data_1RKI
#
_entry.id   1RKI
#
_cell.length_a   105.483
_cell.length_b   43.717
_cell.length_c   52.717
_cell.angle_alpha   90.00
_cell.angle_beta   113.24
_cell.angle_gamma   90.00
#
_symmetry.space_group_name_H-M   'C 1 2 1'
#
loop_
_entity.id
_entity.type
_entity.pdbx_description
1 polymer 'hypothetical protein'
2 non-polymer 'SULFATE ION'
3 non-polymer 'ACETATE ION'
4 non-polymer 'CHLORIDE ION'
5 non-polymer 'HEXAETHYLENE GLYCOL'
6 non-polymer 'TETRAETHYLENE GLYCOL'
7 water water
#
_entity_poly.entity_id   1
_entity_poly.type   'polypeptide(L)'
_entity_poly.pdbx_seq_one_letter_code
;MKKHIIIKTIPKKEEIISRDLCDCIYYYDNSVICKPIGPSKVYVSTSLENLEKCLQLHYFKKLVKNIEIFDEVHNSKPNC
DKCLIVEIGGVYFVRRVNGVPR
;
_entity_poly.pdbx_strand_id   A,B
#
# COMPACT_ATOMS: atom_id res chain seq x y z
N MET A 1 -10.78 -0.52 19.06
CA MET A 1 -9.92 0.58 18.56
C MET A 1 -9.08 0.00 17.44
N LYS A 2 -8.90 0.75 16.35
CA LYS A 2 -8.11 0.24 15.22
C LYS A 2 -6.61 0.29 15.51
N LYS A 3 -5.91 -0.76 15.09
CA LYS A 3 -4.46 -0.79 15.15
C LYS A 3 -3.92 -0.91 13.73
N HIS A 4 -2.57 -0.84 13.62
CA HIS A 4 -1.88 -0.89 12.36
C HIS A 4 -0.97 -2.08 12.49
N ILE A 5 -1.39 -3.17 11.86
CA ILE A 5 -0.80 -4.47 12.10
C ILE A 5 0.00 -4.88 10.85
N ILE A 6 1.22 -5.36 11.08
CA ILE A 6 2.04 -6.00 10.04
C ILE A 6 2.01 -7.51 10.26
N ILE A 7 1.52 -8.23 9.23
CA ILE A 7 1.48 -9.71 9.24
C ILE A 7 2.62 -10.26 8.43
N LYS A 8 3.41 -11.14 9.06
CA LYS A 8 4.49 -11.84 8.37
C LYS A 8 3.90 -13.08 7.76
N THR A 9 4.03 -13.22 6.45
CA THR A 9 3.50 -14.36 5.69
C THR A 9 4.56 -15.23 5.17
N ILE A 10 4.17 -16.37 4.63
CA ILE A 10 5.09 -17.12 3.83
C ILE A 10 5.42 -16.34 2.51
N PRO A 11 6.58 -16.62 1.96
CA PRO A 11 7.01 -15.93 0.75
C PRO A 11 6.03 -16.10 -0.41
N LYS A 12 5.91 -15.05 -1.21
CA LYS A 12 5.24 -15.08 -2.51
C LYS A 12 3.72 -14.98 -2.47
N LYS A 13 3.14 -15.03 -1.29
CA LYS A 13 1.69 -14.96 -1.16
C LYS A 13 1.11 -13.69 -0.60
N GLU A 14 1.86 -12.60 -0.54
CA GLU A 14 1.42 -11.36 0.06
C GLU A 14 0.12 -10.82 -0.56
N GLU A 15 0.10 -10.68 -1.89
CA GLU A 15 -1.05 -10.14 -2.55
C GLU A 15 -2.33 -10.94 -2.30
N ILE A 16 -2.25 -12.26 -2.45
CA ILE A 16 -3.45 -13.07 -2.21
C ILE A 16 -3.89 -13.01 -0.75
N ILE A 17 -2.94 -13.06 0.17
CA ILE A 17 -3.32 -13.00 1.60
C ILE A 17 -3.99 -11.69 1.96
N SER A 18 -3.50 -10.55 1.42
CA SER A 18 -4.09 -9.26 1.68
C SER A 18 -5.51 -9.23 1.16
N ARG A 19 -5.71 -9.71 -0.06
CA ARG A 19 -7.03 -9.69 -0.69
C ARG A 19 -8.01 -10.53 0.09
N ASP A 20 -7.59 -11.71 0.49
CA ASP A 20 -8.48 -12.67 1.13
C ASP A 20 -8.79 -12.26 2.56
N LEU A 21 -7.82 -11.67 3.28
CA LEU A 21 -8.04 -11.22 4.64
C LEU A 21 -9.05 -10.09 4.64
N CYS A 22 -8.94 -9.19 3.68
CA CYS A 22 -9.91 -8.07 3.61
C CYS A 22 -11.36 -8.55 3.33
N ASP A 23 -11.52 -9.61 2.49
CA ASP A 23 -12.80 -10.23 2.22
C ASP A 23 -13.35 -11.01 3.40
N CYS A 24 -12.48 -11.49 4.27
CA CYS A 24 -12.91 -12.15 5.51
C CYS A 24 -13.28 -11.14 6.58
N ILE A 25 -12.48 -10.10 6.73
CA ILE A 25 -12.73 -9.16 7.83
C ILE A 25 -13.91 -8.21 7.56
N TYR A 26 -14.23 -7.92 6.28
CA TYR A 26 -15.31 -7.00 5.89
C TYR A 26 -16.60 -7.24 6.67
N TYR A 27 -17.03 -8.49 6.82
CA TYR A 27 -18.17 -8.87 7.62
C TYR A 27 -18.18 -8.23 9.04
N TYR A 28 -17.02 -8.28 9.69
CA TYR A 28 -16.86 -7.76 11.05
C TYR A 28 -16.62 -6.28 11.11
N ASP A 29 -16.00 -5.74 10.05
CA ASP A 29 -15.56 -4.33 9.99
C ASP A 29 -15.50 -3.81 8.58
N ASN A 30 -16.56 -3.10 8.16
CA ASN A 30 -16.68 -2.69 6.75
C ASN A 30 -15.67 -1.65 6.36
N SER A 31 -14.97 -1.08 7.35
CA SER A 31 -13.88 -0.11 7.18
C SER A 31 -12.44 -0.66 7.09
N VAL A 32 -12.28 -1.99 7.07
CA VAL A 32 -10.94 -2.54 7.07
C VAL A 32 -10.17 -2.09 5.82
N ILE A 33 -8.87 -1.94 5.99
CA ILE A 33 -7.93 -1.70 4.88
C ILE A 33 -6.83 -2.66 4.93
N CYS A 34 -6.54 -3.27 3.79
CA CYS A 34 -5.40 -4.15 3.69
C CYS A 34 -4.59 -3.82 2.47
N LYS A 35 -3.25 -4.01 2.53
CA LYS A 35 -2.40 -3.97 1.33
C LYS A 35 -1.18 -4.84 1.55
N PRO A 36 -0.63 -5.42 0.47
CA PRO A 36 0.70 -6.01 0.56
C PRO A 36 1.74 -4.87 0.65
N ILE A 37 2.73 -4.99 1.53
CA ILE A 37 3.64 -3.88 1.83
C ILE A 37 5.14 -4.15 1.67
N GLY A 38 5.56 -5.43 1.66
CA GLY A 38 6.95 -5.81 1.41
C GLY A 38 7.07 -7.33 1.24
N PRO A 39 8.28 -7.83 1.04
CA PRO A 39 8.51 -9.28 0.95
C PRO A 39 8.06 -9.92 2.25
N SER A 40 7.16 -10.89 2.15
CA SER A 40 6.61 -11.61 3.28
C SER A 40 5.85 -10.72 4.29
N LYS A 41 5.36 -9.55 3.87
CA LYS A 41 4.63 -8.67 4.78
C LYS A 41 3.33 -8.04 4.21
N VAL A 42 2.27 -8.12 5.01
CA VAL A 42 0.95 -7.54 4.72
C VAL A 42 0.54 -6.58 5.82
N TYR A 43 0.03 -5.41 5.43
CA TYR A 43 -0.61 -4.41 6.32
C TYR A 43 -2.13 -4.53 6.42
N VAL A 44 -2.65 -4.58 7.65
CA VAL A 44 -4.11 -4.50 7.89
C VAL A 44 -4.38 -3.49 8.98
N SER A 45 -5.42 -2.67 8.79
CA SER A 45 -5.91 -1.79 9.82
C SER A 45 -7.31 -2.22 10.16
N THR A 46 -7.44 -2.74 11.38
CA THR A 46 -8.70 -3.12 12.01
C THR A 46 -8.40 -3.35 13.50
N SER A 47 -9.43 -3.61 14.26
CA SER A 47 -9.25 -4.09 15.67
C SER A 47 -8.65 -5.50 15.70
N LEU A 48 -7.92 -5.79 16.77
CA LEU A 48 -7.15 -7.06 16.81
C LEU A 48 -8.07 -8.27 16.82
N GLU A 49 -9.20 -8.10 17.50
CA GLU A 49 -10.21 -9.13 17.66
C GLU A 49 -10.79 -9.58 16.30
N ASN A 50 -11.06 -8.61 15.43
CA ASN A 50 -11.54 -8.87 14.06
C ASN A 50 -10.48 -9.58 13.23
N LEU A 51 -9.23 -9.16 13.35
CA LEU A 51 -8.13 -9.86 12.68
C LEU A 51 -8.02 -11.34 13.13
N GLU A 52 -8.07 -11.58 14.45
CA GLU A 52 -7.89 -12.93 15.02
C GLU A 52 -9.04 -13.84 14.64
N LYS A 53 -10.26 -13.30 14.53
CA LYS A 53 -11.39 -14.15 14.08
C LYS A 53 -11.13 -14.76 12.72
N CYS A 54 -10.45 -14.01 11.85
CA CYS A 54 -10.03 -14.50 10.52
C CYS A 54 -8.72 -15.30 10.49
N LEU A 55 -7.70 -14.86 11.24
CA LEU A 55 -6.41 -15.56 11.28
C LEU A 55 -6.45 -16.98 11.86
N GLN A 56 -7.45 -17.30 12.66
CA GLN A 56 -7.69 -18.66 13.12
C GLN A 56 -8.38 -19.60 12.14
N LEU A 57 -8.89 -19.12 11.01
CA LEU A 57 -9.43 -20.05 10.01
C LEU A 57 -8.28 -20.87 9.39
N HIS A 58 -8.58 -22.11 8.98
CA HIS A 58 -7.61 -23.02 8.44
C HIS A 58 -6.80 -22.40 7.35
N TYR A 59 -7.47 -21.67 6.44
CA TYR A 59 -6.79 -21.16 5.26
C TYR A 59 -5.60 -20.21 5.66
N PHE A 60 -5.81 -19.42 6.69
CA PHE A 60 -4.85 -18.33 7.07
C PHE A 60 -3.81 -18.84 8.02
N LYS A 61 -4.18 -19.82 8.88
CA LYS A 61 -3.23 -20.46 9.79
C LYS A 61 -2.01 -20.96 9.05
N LYS A 62 -2.23 -21.53 7.85
CA LYS A 62 -1.12 -22.11 7.06
C LYS A 62 -0.16 -21.03 6.47
N LEU A 63 -0.69 -19.87 6.27
CA LEU A 63 0.00 -18.88 5.44
C LEU A 63 0.63 -17.78 6.25
N VAL A 64 0.31 -17.69 7.53
CA VAL A 64 0.74 -16.54 8.37
C VAL A 64 1.66 -17.07 9.47
N LYS A 65 2.81 -16.44 9.61
CA LYS A 65 3.86 -16.84 10.56
C LYS A 65 3.77 -16.05 11.89
N ASN A 66 3.58 -14.74 11.84
CA ASN A 66 3.49 -13.91 13.04
C ASN A 66 2.86 -12.58 12.72
N ILE A 67 2.60 -11.80 13.77
CA ILE A 67 2.13 -10.43 13.57
C ILE A 67 2.84 -9.42 14.45
N GLU A 68 2.81 -8.15 14.07
CA GLU A 68 3.42 -7.07 14.88
C GLU A 68 2.43 -5.96 14.92
N ILE A 69 2.10 -5.47 16.11
CA ILE A 69 1.06 -4.48 16.25
C ILE A 69 1.67 -3.08 16.52
N PHE A 70 1.25 -2.07 15.75
CA PHE A 70 1.72 -0.70 15.86
C PHE A 70 0.52 0.19 16.15
N ASP A 71 0.82 1.34 16.73
CA ASP A 71 -0.16 2.34 17.16
C ASP A 71 -0.45 3.37 16.09
N GLU A 72 0.55 3.68 15.25
CA GLU A 72 0.41 4.71 14.22
C GLU A 72 1.08 4.36 12.91
N VAL A 73 0.56 4.94 11.84
CA VAL A 73 1.24 4.90 10.55
C VAL A 73 1.36 6.36 9.99
N HIS A 74 2.48 6.70 9.36
CA HIS A 74 2.74 8.02 8.76
C HIS A 74 3.40 7.83 7.39
N ASN A 75 3.12 8.72 6.44
CA ASN A 75 3.84 8.68 5.15
C ASN A 75 5.14 9.49 5.14
N SER A 76 5.34 10.34 6.15
CA SER A 76 6.61 11.08 6.34
C SER A 76 7.25 10.65 7.66
N LYS A 77 8.57 10.85 7.80
CA LYS A 77 9.29 10.45 9.02
C LYS A 77 8.61 11.02 10.25
N PRO A 78 8.25 10.15 11.21
CA PRO A 78 7.62 10.62 12.45
C PRO A 78 8.61 11.43 13.30
N ASN A 79 8.09 12.20 14.23
CA ASN A 79 8.95 13.11 14.98
C ASN A 79 9.23 12.61 16.42
N CYS A 80 8.69 11.45 16.77
CA CYS A 80 8.87 10.91 18.14
C CYS A 80 10.30 10.35 18.34
N ASP A 81 10.76 10.39 19.59
CA ASP A 81 12.04 9.80 20.00
C ASP A 81 11.85 8.54 20.87
N LYS A 82 10.98 8.63 21.86
CA LYS A 82 10.76 7.53 22.83
C LYS A 82 9.74 6.51 22.27
N CYS A 83 10.15 5.84 21.21
CA CYS A 83 9.27 5.03 20.38
C CYS A 83 10.12 4.14 19.45
N LEU A 84 9.48 3.08 18.94
CA LEU A 84 10.03 2.29 17.87
C LEU A 84 9.43 2.77 16.55
N ILE A 85 10.27 3.16 15.59
CA ILE A 85 9.86 3.49 14.23
C ILE A 85 10.44 2.44 13.28
N VAL A 86 9.55 1.83 12.52
CA VAL A 86 9.92 0.86 11.48
C VAL A 86 9.46 1.36 10.12
N GLU A 87 10.35 1.36 9.12
CA GLU A 87 9.96 1.78 7.77
C GLU A 87 9.77 0.54 6.87
N ILE A 88 8.58 0.43 6.24
CA ILE A 88 8.19 -0.70 5.36
C ILE A 88 7.31 -0.14 4.23
N GLY A 89 7.68 -0.47 3.00
CA GLY A 89 7.37 0.37 1.85
C GLY A 89 8.21 1.63 2.13
N GLY A 90 7.66 2.81 1.82
CA GLY A 90 8.20 4.05 2.35
C GLY A 90 7.26 4.61 3.41
N VAL A 91 6.59 3.69 4.10
CA VAL A 91 5.60 4.00 5.11
C VAL A 91 6.25 3.79 6.49
N TYR A 92 5.99 4.69 7.45
CA TYR A 92 6.57 4.62 8.80
C TYR A 92 5.55 4.11 9.83
N PHE A 93 5.86 2.99 10.48
CA PHE A 93 5.03 2.47 11.55
C PHE A 93 5.61 2.86 12.91
N VAL A 94 4.78 3.32 13.83
CA VAL A 94 5.25 3.71 15.18
C VAL A 94 4.57 2.89 16.28
N ARG A 95 5.39 2.37 17.19
CA ARG A 95 4.94 1.80 18.45
C ARG A 95 5.49 2.65 19.63
N ARG A 96 4.58 3.27 20.38
CA ARG A 96 4.94 4.16 21.45
C ARG A 96 5.41 3.40 22.70
N VAL A 97 6.32 4.00 23.45
CA VAL A 97 6.70 3.53 24.77
C VAL A 97 5.65 4.07 25.76
N ASN A 98 5.02 3.16 26.49
CA ASN A 98 4.06 3.57 27.57
C ASN A 98 4.66 4.38 28.78
N GLY A 99 3.91 5.36 29.28
CA GLY A 99 4.28 6.10 30.48
C GLY A 99 5.12 7.37 30.30
N VAL A 100 5.41 7.69 29.03
CA VAL A 100 6.09 8.99 28.75
C VAL A 100 5.07 10.14 28.92
N PRO A 101 5.44 11.20 29.66
CA PRO A 101 4.55 12.38 29.83
C PRO A 101 4.45 13.27 28.57
N MET B 1 14.64 8.54 -11.74
CA MET B 1 14.30 7.19 -12.30
C MET B 1 12.78 6.99 -12.22
N LYS B 2 12.24 6.35 -13.25
CA LYS B 2 10.80 6.11 -13.37
C LYS B 2 10.34 5.05 -12.37
N LYS B 3 9.30 5.36 -11.65
CA LYS B 3 8.58 4.42 -10.77
C LYS B 3 7.20 4.09 -11.40
N HIS B 4 6.54 3.11 -10.81
CA HIS B 4 5.32 2.51 -11.36
C HIS B 4 4.35 2.53 -10.22
N ILE B 5 3.37 3.44 -10.33
CA ILE B 5 2.54 3.85 -9.18
C ILE B 5 1.06 3.51 -9.37
N ILE B 6 0.43 2.97 -8.32
CA ILE B 6 -1.05 2.81 -8.32
C ILE B 6 -1.63 3.83 -7.37
N ILE B 7 -2.53 4.70 -7.85
CA ILE B 7 -3.18 5.71 -7.03
C ILE B 7 -4.62 5.29 -6.83
N LYS B 8 -5.06 5.32 -5.57
CA LYS B 8 -6.45 5.04 -5.20
C LYS B 8 -7.13 6.34 -4.88
N THR B 9 -8.25 6.58 -5.56
CA THR B 9 -9.02 7.81 -5.43
C THR B 9 -10.38 7.41 -4.86
N ILE B 10 -11.40 8.25 -5.07
CA ILE B 10 -12.77 7.84 -4.87
C ILE B 10 -13.47 7.83 -6.27
N PRO B 11 -14.52 7.00 -6.50
CA PRO B 11 -14.98 6.78 -7.89
C PRO B 11 -15.49 8.02 -8.62
N LYS B 12 -16.17 8.88 -7.87
CA LYS B 12 -16.73 10.13 -8.43
C LYS B 12 -15.61 11.12 -8.76
N LYS B 13 -14.41 10.89 -8.23
CA LYS B 13 -13.25 11.76 -8.44
C LYS B 13 -12.15 11.19 -9.37
N GLU B 14 -12.33 9.99 -9.91
CA GLU B 14 -11.24 9.34 -10.64
C GLU B 14 -10.75 9.99 -11.98
N GLU B 15 -11.66 10.70 -12.65
CA GLU B 15 -11.32 11.36 -13.95
C GLU B 15 -10.43 12.57 -13.73
N ILE B 16 -10.52 13.15 -12.53
CA ILE B 16 -9.63 14.22 -12.11
C ILE B 16 -8.21 13.67 -12.02
N ILE B 17 -8.08 12.40 -11.65
CA ILE B 17 -6.75 11.81 -11.63
C ILE B 17 -6.24 11.40 -13.04
N SER B 18 -7.03 10.62 -13.79
CA SER B 18 -6.50 10.02 -15.03
C SER B 18 -6.33 11.13 -16.05
N ARG B 19 -7.11 12.18 -15.96
CA ARG B 19 -6.98 13.29 -16.89
C ARG B 19 -6.15 14.44 -16.35
N ASP B 20 -6.65 15.12 -15.31
CA ASP B 20 -6.00 16.33 -14.83
C ASP B 20 -4.60 16.09 -14.26
N LEU B 21 -4.46 15.10 -13.34
CA LEU B 21 -3.15 14.78 -12.76
C LEU B 21 -2.17 14.37 -13.83
N CYS B 22 -2.56 13.51 -14.75
CA CYS B 22 -1.67 13.14 -15.84
C CYS B 22 -1.26 14.35 -16.73
N ASP B 23 -2.21 15.26 -17.03
CA ASP B 23 -1.91 16.49 -17.83
C ASP B 23 -0.87 17.37 -17.04
N CYS B 24 -1.00 17.38 -15.74
CA CYS B 24 -0.07 18.13 -14.89
C CYS B 24 1.34 17.48 -14.95
N ILE B 25 1.44 16.16 -14.74
CA ILE B 25 2.75 15.50 -14.68
C ILE B 25 3.43 15.57 -16.05
N TYR B 26 2.64 15.53 -17.14
CA TYR B 26 3.21 15.58 -18.51
C TYR B 26 4.06 16.81 -18.76
N TYR B 27 3.70 17.94 -18.14
CA TYR B 27 4.52 19.17 -18.24
C TYR B 27 5.95 18.90 -17.78
N TYR B 28 6.08 18.21 -16.66
CA TYR B 28 7.38 17.89 -16.08
C TYR B 28 8.10 16.66 -16.63
N ASP B 29 7.36 15.73 -17.24
CA ASP B 29 7.88 14.45 -17.63
C ASP B 29 7.24 14.00 -18.96
N ASN B 30 8.02 14.21 -19.99
CA ASN B 30 7.64 13.89 -21.36
C ASN B 30 7.36 12.38 -21.61
N SER B 31 7.77 11.54 -20.68
CA SER B 31 7.70 10.10 -20.77
C SER B 31 6.60 9.51 -19.91
N VAL B 32 5.78 10.33 -19.26
CA VAL B 32 4.65 9.79 -18.42
C VAL B 32 3.63 8.93 -19.18
N ILE B 33 3.20 7.84 -18.53
CA ILE B 33 2.08 7.04 -18.96
C ILE B 33 1.07 6.95 -17.86
N CYS B 34 -0.19 7.07 -18.21
CA CYS B 34 -1.28 6.93 -17.29
C CYS B 34 -2.47 6.17 -17.82
N LYS B 35 -3.01 5.31 -16.98
CA LYS B 35 -4.08 4.36 -17.39
C LYS B 35 -5.05 4.09 -16.22
N PRO B 36 -6.34 4.42 -16.34
CA PRO B 36 -7.27 3.90 -15.35
C PRO B 36 -7.32 2.37 -15.38
N ILE B 37 -7.32 1.76 -14.21
CA ILE B 37 -7.33 0.32 -14.17
C ILE B 37 -8.59 -0.23 -13.47
N GLY B 38 -9.26 0.62 -12.73
CA GLY B 38 -10.56 0.33 -12.15
C GLY B 38 -11.30 1.57 -11.76
N PRO B 39 -12.49 1.42 -11.22
CA PRO B 39 -13.31 2.62 -10.95
C PRO B 39 -12.68 3.70 -10.01
N SER B 40 -11.78 3.32 -9.12
CA SER B 40 -11.12 4.24 -8.17
C SER B 40 -9.58 4.10 -8.22
N LYS B 41 -9.05 3.46 -9.26
CA LYS B 41 -7.61 3.22 -9.33
C LYS B 41 -7.01 3.59 -10.66
N VAL B 42 -5.84 4.24 -10.58
CA VAL B 42 -5.10 4.74 -11.76
C VAL B 42 -3.61 4.38 -11.67
N TYR B 43 -3.11 3.88 -12.77
CA TYR B 43 -1.69 3.64 -12.93
C TYR B 43 -0.99 4.85 -13.53
N VAL B 44 0.13 5.24 -12.91
CA VAL B 44 0.95 6.29 -13.42
C VAL B 44 2.42 5.84 -13.40
N SER B 45 3.19 6.12 -14.45
CA SER B 45 4.62 5.90 -14.42
C SER B 45 5.33 7.27 -14.61
N THR B 46 6.08 7.63 -13.57
CA THR B 46 6.92 8.85 -13.52
C THR B 46 7.88 8.74 -12.31
N SER B 47 8.80 9.71 -12.17
CA SER B 47 9.65 9.70 -10.98
C SER B 47 8.85 10.13 -9.77
N LEU B 48 9.32 9.77 -8.58
CA LEU B 48 8.62 10.32 -7.38
C LEU B 48 8.70 11.85 -7.26
N GLU B 49 9.82 12.42 -7.66
CA GLU B 49 9.96 13.90 -7.64
C GLU B 49 8.94 14.62 -8.57
N ASN B 50 8.76 14.12 -9.80
CA ASN B 50 7.77 14.66 -10.72
C ASN B 50 6.35 14.42 -10.29
N LEU B 51 6.05 13.24 -9.74
CA LEU B 51 4.75 12.98 -9.18
C LEU B 51 4.38 14.05 -8.12
N GLU B 52 5.31 14.30 -7.21
CA GLU B 52 5.08 15.15 -6.04
C GLU B 52 4.96 16.61 -6.44
N LYS B 53 5.55 17.02 -7.57
CA LYS B 53 5.30 18.38 -8.05
C LYS B 53 3.82 18.73 -8.29
N CYS B 54 3.07 17.71 -8.71
CA CYS B 54 1.65 17.82 -8.94
C CYS B 54 0.83 17.37 -7.72
N LEU B 55 1.17 16.20 -7.19
CA LEU B 55 0.33 15.57 -6.19
C LEU B 55 0.30 16.39 -4.85
N GLN B 56 1.31 17.22 -4.62
CA GLN B 56 1.40 18.12 -3.44
C GLN B 56 0.37 19.24 -3.45
N LEU B 57 -0.14 19.58 -4.64
CA LEU B 57 -1.10 20.66 -4.70
C LEU B 57 -2.42 20.16 -4.08
N HIS B 58 -3.11 21.03 -3.32
CA HIS B 58 -4.22 20.56 -2.48
C HIS B 58 -5.34 19.96 -3.36
N TYR B 59 -5.56 20.56 -4.52
CA TYR B 59 -6.51 20.07 -5.55
C TYR B 59 -6.46 18.59 -5.78
N PHE B 60 -5.22 18.08 -5.82
CA PHE B 60 -5.01 16.65 -6.02
C PHE B 60 -4.88 15.89 -4.73
N LYS B 61 -4.17 16.47 -3.77
CA LYS B 61 -3.90 15.78 -2.49
C LYS B 61 -5.20 15.34 -1.84
N LYS B 62 -6.21 16.17 -1.93
CA LYS B 62 -7.45 15.87 -1.19
C LYS B 62 -8.24 14.64 -1.68
N LEU B 63 -8.04 14.31 -2.95
CA LEU B 63 -8.69 13.21 -3.65
C LEU B 63 -8.00 11.82 -3.53
N VAL B 64 -6.78 11.81 -3.04
CA VAL B 64 -6.00 10.59 -3.01
C VAL B 64 -6.13 9.94 -1.66
N LYS B 65 -6.67 8.73 -1.67
CA LYS B 65 -6.82 7.92 -0.48
C LYS B 65 -5.46 7.30 -0.13
N ASN B 66 -4.79 6.77 -1.15
CA ASN B 66 -3.43 6.27 -0.93
C ASN B 66 -2.74 6.02 -2.28
N ILE B 67 -1.41 5.89 -2.19
CA ILE B 67 -0.57 5.51 -3.35
C ILE B 67 0.24 4.29 -2.97
N GLU B 68 0.41 3.41 -3.94
CA GLU B 68 1.31 2.28 -3.80
C GLU B 68 2.45 2.44 -4.82
N ILE B 69 3.70 2.44 -4.34
CA ILE B 69 4.88 2.64 -5.21
C ILE B 69 5.59 1.33 -5.52
N PHE B 70 5.77 1.12 -6.81
CA PHE B 70 6.58 0.01 -7.26
C PHE B 70 7.76 0.49 -8.11
N ASP B 71 8.79 -0.35 -8.18
CA ASP B 71 10.07 -0.02 -8.83
C ASP B 71 10.11 -0.44 -10.31
N GLU B 72 9.36 -1.51 -10.64
CA GLU B 72 9.41 -2.13 -11.99
C GLU B 72 8.09 -2.73 -12.42
N VAL B 73 7.92 -2.85 -13.75
CA VAL B 73 6.82 -3.61 -14.35
C VAL B 73 7.38 -4.60 -15.39
N HIS B 74 6.75 -5.76 -15.44
CA HIS B 74 7.20 -6.85 -16.39
C HIS B 74 6.03 -7.69 -16.95
N ASN B 75 6.20 -8.21 -18.16
CA ASN B 75 5.20 -9.08 -18.76
C ASN B 75 5.25 -10.54 -18.30
N SER B 76 6.33 -10.88 -17.61
CA SER B 76 6.51 -12.23 -17.11
C SER B 76 7.09 -12.23 -15.67
N LYS B 77 6.94 -13.34 -14.95
CA LYS B 77 7.26 -13.36 -13.56
C LYS B 77 8.79 -13.28 -13.33
N PRO B 78 9.30 -12.27 -12.61
CA PRO B 78 10.75 -12.13 -12.39
C PRO B 78 11.31 -13.17 -11.32
N ASN B 79 12.60 -13.51 -11.41
CA ASN B 79 13.32 -14.29 -10.43
C ASN B 79 13.87 -13.33 -9.39
N CYS B 80 13.21 -13.20 -8.27
CA CYS B 80 13.80 -12.41 -7.17
C CYS B 80 13.50 -12.97 -5.80
N ASP B 81 14.31 -12.60 -4.83
CA ASP B 81 14.28 -13.17 -3.50
C ASP B 81 13.56 -12.18 -2.57
N LYS B 82 14.21 -11.10 -2.24
CA LYS B 82 13.71 -10.17 -1.23
C LYS B 82 12.98 -9.05 -1.95
N CYS B 83 11.87 -9.43 -2.58
CA CYS B 83 11.06 -8.50 -3.39
C CYS B 83 9.56 -8.81 -3.23
N LEU B 84 8.72 -7.78 -3.36
CA LEU B 84 7.27 -7.94 -3.34
C LEU B 84 6.84 -7.94 -4.84
N ILE B 85 6.09 -8.97 -5.20
CA ILE B 85 5.55 -9.12 -6.58
C ILE B 85 4.01 -9.09 -6.47
N VAL B 86 3.40 -8.13 -7.17
CA VAL B 86 1.91 -7.95 -7.24
C VAL B 86 1.51 -8.01 -8.71
N GLU B 87 0.63 -8.93 -9.09
CA GLU B 87 0.22 -9.05 -10.50
C GLU B 87 -1.10 -8.37 -10.66
N ILE B 88 -1.17 -7.39 -11.57
CA ILE B 88 -2.38 -6.61 -11.84
C ILE B 88 -2.67 -6.60 -13.34
N GLY B 89 -3.81 -7.14 -13.77
CA GLY B 89 -4.23 -6.99 -15.19
C GLY B 89 -3.27 -7.64 -16.19
N GLY B 90 -2.58 -8.68 -15.76
CA GLY B 90 -1.59 -9.35 -16.59
C GLY B 90 -0.17 -8.79 -16.57
N VAL B 91 0.08 -7.84 -15.69
CA VAL B 91 1.34 -7.11 -15.52
C VAL B 91 1.88 -7.38 -14.11
N TYR B 92 3.17 -7.74 -14.03
CA TYR B 92 3.80 -8.05 -12.77
C TYR B 92 4.53 -6.76 -12.30
N PHE B 93 4.12 -6.28 -11.14
CA PHE B 93 4.70 -5.09 -10.46
C PHE B 93 5.70 -5.61 -9.38
N VAL B 94 6.85 -4.96 -9.28
CA VAL B 94 7.94 -5.41 -8.38
C VAL B 94 8.39 -4.23 -7.48
N ARG B 95 8.49 -4.48 -6.17
CA ARG B 95 9.05 -3.50 -5.25
C ARG B 95 10.15 -4.16 -4.41
N ARG B 96 11.29 -3.49 -4.27
CA ARG B 96 12.23 -3.77 -3.16
C ARG B 96 12.16 -2.67 -2.09
N VAL B 97 12.25 -3.05 -0.81
CA VAL B 97 12.20 -2.06 0.29
C VAL B 97 13.53 -1.94 1.07
#